data_4C0X
#
_entry.id   4C0X
#
_cell.length_a   72.712
_cell.length_b   94.947
_cell.length_c   146.511
_cell.angle_alpha   90.00
_cell.angle_beta   90.00
_cell.angle_gamma   90.00
#
_symmetry.space_group_name_H-M   'F 2 2 2'
#
loop_
_entity.id
_entity.type
_entity.pdbx_description
1 polymer 'FMN-DEPENDENT NADH-AZOREDUCTASE 1'
2 non-polymer 'FLAVIN MONONUCLEOTIDE'
3 non-polymer '9,10-dioxo-9,10-dihydroanthracene-2-sulfonic acid'
4 non-polymer GLYCEROL
5 non-polymer 'TETRAETHYLENE GLYCOL'
6 water water
#
_entity_poly.entity_id   1
_entity_poly.type   'polypeptide(L)'
_entity_poly.pdbx_seq_one_letter_code
;MKLLHIDSSILGDNSASRQLSREVVEAWKAADPSVEVVYRDLAADAIAHFSAATLVAAGTPEDVRDAAQAFEAKLSAETL
EEFLAADAVVIGAPMYNFTVPTQLKAWIDRVAVAGKTFRYTEAGPQGLCGNKKVVLVSTAGGLHAGQPTGAGHEDFLKVF
LGFIGITDLEIVRAHGLAYGPEQRSQAIDAAQAQIASELFAVA
;
_entity_poly.pdbx_strand_id   A
#
loop_
_chem_comp.id
_chem_comp.type
_chem_comp.name
_chem_comp.formula
AQN non-polymer '9,10-dioxo-9,10-dihydroanthracene-2-sulfonic acid' 'C14 H8 O5 S'
FMN non-polymer 'FLAVIN MONONUCLEOTIDE' 'C17 H21 N4 O9 P'
GOL non-polymer GLYCEROL 'C3 H8 O3'
PG4 non-polymer 'TETRAETHYLENE GLYCOL' 'C8 H18 O5'
#
# COMPACT_ATOMS: atom_id res chain seq x y z
N MET A 1 11.52 -14.92 2.95
CA MET A 1 10.25 -14.17 2.91
CA MET A 1 10.25 -14.20 2.92
C MET A 1 10.34 -13.17 1.78
N LYS A 2 9.21 -12.85 1.14
CA LYS A 2 9.19 -11.83 0.08
C LYS A 2 8.53 -10.57 0.62
N LEU A 3 9.26 -9.48 0.56
CA LEU A 3 8.72 -8.20 1.03
CA LEU A 3 8.77 -8.19 1.04
C LEU A 3 8.48 -7.29 -0.15
N LEU A 4 7.23 -6.81 -0.28
CA LEU A 4 6.87 -5.87 -1.34
C LEU A 4 6.89 -4.45 -0.76
N HIS A 5 7.72 -3.60 -1.29
CA HIS A 5 7.89 -2.24 -0.82
C HIS A 5 7.20 -1.33 -1.82
N ILE A 6 6.11 -0.67 -1.37
CA ILE A 6 5.23 0.17 -2.21
CA ILE A 6 5.36 0.20 -2.27
C ILE A 6 5.47 1.62 -1.81
N ASP A 7 5.73 2.49 -2.78
CA ASP A 7 5.68 3.93 -2.50
C ASP A 7 4.61 4.55 -3.40
N SER A 8 3.98 5.61 -2.86
CA SER A 8 3.00 6.32 -3.70
C SER A 8 3.16 7.82 -3.62
N SER A 9 4.16 8.38 -2.92
CA SER A 9 4.32 9.84 -2.87
C SER A 9 4.74 10.41 -4.24
N ILE A 10 4.25 11.63 -4.49
CA ILE A 10 4.63 12.36 -5.71
C ILE A 10 5.72 13.41 -5.41
N LEU A 11 6.29 13.37 -4.21
CA LEU A 11 7.22 14.43 -3.74
C LEU A 11 8.68 14.02 -3.79
N GLY A 12 8.98 12.86 -4.37
CA GLY A 12 10.37 12.50 -4.65
C GLY A 12 11.27 12.57 -3.45
N ASP A 13 12.40 13.26 -3.60
CA ASP A 13 13.34 13.37 -2.48
C ASP A 13 12.81 14.15 -1.31
N ASN A 14 11.76 14.92 -1.49
CA ASN A 14 11.18 15.63 -0.37
C ASN A 14 10.10 14.84 0.35
N SER A 15 9.91 13.57 -0.05
CA SER A 15 8.83 12.76 0.51
C SER A 15 9.15 12.20 1.91
N ALA A 16 8.27 12.41 2.89
CA ALA A 16 8.39 11.79 4.22
C ALA A 16 8.11 10.29 4.10
N SER A 17 7.07 9.93 3.36
CA SER A 17 6.76 8.48 3.32
C SER A 17 7.79 7.65 2.57
N ARG A 18 8.43 8.21 1.56
CA ARG A 18 9.49 7.48 0.86
C ARG A 18 10.69 7.31 1.79
N GLN A 19 11.00 8.34 2.57
CA GLN A 19 12.13 8.19 3.51
C GLN A 19 11.82 7.10 4.55
N LEU A 20 10.64 7.15 5.15
CA LEU A 20 10.30 6.20 6.23
C LEU A 20 10.03 4.81 5.65
N SER A 21 9.45 4.71 4.44
CA SER A 21 9.25 3.35 3.93
C SER A 21 10.57 2.67 3.64
N ARG A 22 11.52 3.41 3.09
CA ARG A 22 12.87 2.86 2.87
C ARG A 22 13.49 2.51 4.21
N GLU A 23 13.34 3.38 5.21
CA GLU A 23 13.88 3.03 6.53
C GLU A 23 13.29 1.77 7.16
N VAL A 24 12.01 1.55 6.97
CA VAL A 24 11.38 0.30 7.42
C VAL A 24 12.00 -0.89 6.71
N VAL A 25 12.07 -0.84 5.38
CA VAL A 25 12.67 -1.93 4.62
C VAL A 25 14.13 -2.17 5.03
N GLU A 26 14.91 -1.10 5.24
CA GLU A 26 16.34 -1.30 5.60
C GLU A 26 16.46 -1.98 6.95
N ALA A 27 15.61 -1.59 7.89
CA ALA A 27 15.55 -2.21 9.21
C ALA A 27 15.12 -3.66 9.09
N TRP A 28 14.18 -3.90 8.17
CA TRP A 28 13.68 -5.26 8.00
C TRP A 28 14.79 -6.14 7.44
N LYS A 29 15.53 -5.64 6.45
CA LYS A 29 16.66 -6.38 5.86
C LYS A 29 17.75 -6.65 6.90
N ALA A 30 17.92 -5.70 7.81
CA ALA A 30 18.92 -5.89 8.86
C ALA A 30 18.43 -6.94 9.89
N ALA A 31 17.14 -6.94 10.24
CA ALA A 31 16.57 -7.97 11.11
C ALA A 31 16.54 -9.37 10.49
N ASP A 32 16.32 -9.41 9.17
CA ASP A 32 16.17 -10.70 8.43
C ASP A 32 16.92 -10.60 7.15
N PRO A 33 18.19 -11.00 7.19
CA PRO A 33 19.02 -10.88 6.00
C PRO A 33 18.56 -11.70 4.79
N SER A 34 17.67 -12.65 4.99
CA SER A 34 17.26 -13.49 3.88
CA SER A 34 17.25 -13.49 3.89
C SER A 34 16.07 -12.90 3.15
N VAL A 35 15.54 -11.78 3.66
CA VAL A 35 14.33 -11.24 3.01
C VAL A 35 14.64 -10.83 1.58
N GLU A 36 13.70 -11.10 0.69
CA GLU A 36 13.85 -10.75 -0.71
C GLU A 36 12.91 -9.55 -0.99
N VAL A 37 13.44 -8.41 -1.34
CA VAL A 37 12.63 -7.17 -1.52
C VAL A 37 12.26 -6.95 -2.99
N VAL A 38 10.97 -6.69 -3.28
CA VAL A 38 10.50 -6.26 -4.59
C VAL A 38 10.00 -4.81 -4.38
N TYR A 39 10.41 -3.89 -5.23
CA TYR A 39 10.02 -2.48 -5.09
C TYR A 39 9.02 -2.14 -6.16
N ARG A 40 8.01 -1.34 -5.77
CA ARG A 40 7.09 -0.82 -6.77
C ARG A 40 6.78 0.65 -6.41
N ASP A 41 7.20 1.57 -7.27
CA ASP A 41 6.95 3.00 -7.08
C ASP A 41 5.71 3.31 -7.92
N LEU A 42 4.59 3.43 -7.22
CA LEU A 42 3.32 3.66 -7.89
C LEU A 42 3.15 5.07 -8.43
N ALA A 43 4.02 6.00 -8.00
CA ALA A 43 3.98 7.34 -8.57
C ALA A 43 4.83 7.40 -9.84
N ALA A 44 6.02 6.78 -9.82
CA ALA A 44 6.89 6.84 -10.98
C ALA A 44 6.32 5.99 -12.10
N ASP A 45 5.71 4.85 -11.75
CA ASP A 45 5.15 3.93 -12.73
CA ASP A 45 5.15 3.97 -12.74
C ASP A 45 3.67 3.77 -12.43
N ALA A 46 2.85 4.77 -12.75
CA ALA A 46 1.45 4.76 -12.33
C ALA A 46 0.57 3.74 -12.99
N ILE A 47 -0.33 3.14 -12.20
CA ILE A 47 -1.25 2.17 -12.69
C ILE A 47 -2.49 2.89 -13.26
N ALA A 48 -2.92 2.48 -14.45
CA ALA A 48 -4.06 3.09 -15.09
C ALA A 48 -5.29 3.00 -14.20
N HIS A 49 -6.09 4.04 -14.25
CA HIS A 49 -7.38 4.04 -13.58
C HIS A 49 -8.14 2.75 -13.88
N PHE A 50 -8.72 2.16 -12.84
CA PHE A 50 -9.51 0.92 -13.05
C PHE A 50 -10.79 1.37 -13.77
N SER A 51 -10.95 0.90 -15.01
CA SER A 51 -11.94 1.46 -15.91
C SER A 51 -12.91 0.45 -16.48
N ALA A 52 -13.89 0.96 -17.22
CA ALA A 52 -14.74 0.05 -18.02
C ALA A 52 -13.86 -0.88 -18.87
N ALA A 53 -12.82 -0.32 -19.48
CA ALA A 53 -11.89 -1.15 -20.28
C ALA A 53 -11.20 -2.25 -19.50
N THR A 54 -10.85 -1.97 -18.23
CA THR A 54 -10.29 -2.99 -17.37
C THR A 54 -11.27 -4.15 -17.21
N LEU A 55 -12.55 -3.82 -17.03
CA LEU A 55 -13.55 -4.85 -16.79
C LEU A 55 -13.79 -5.65 -18.08
N VAL A 56 -13.89 -4.95 -19.21
CA VAL A 56 -14.12 -5.64 -20.49
C VAL A 56 -12.94 -6.54 -20.77
N ALA A 57 -11.72 -6.07 -20.54
CA ALA A 57 -10.57 -6.92 -20.79
C ALA A 57 -10.56 -8.19 -19.95
N ALA A 58 -11.02 -8.10 -18.71
CA ALA A 58 -10.97 -9.22 -17.82
C ALA A 58 -11.97 -10.29 -18.33
N GLY A 59 -13.05 -9.81 -18.95
CA GLY A 59 -14.09 -10.71 -19.46
C GLY A 59 -13.88 -11.13 -20.89
N THR A 60 -12.72 -10.82 -21.44
CA THR A 60 -12.43 -11.18 -22.83
C THR A 60 -11.35 -12.28 -22.87
N PRO A 61 -11.60 -13.40 -23.59
CA PRO A 61 -10.55 -14.42 -23.69
C PRO A 61 -9.22 -13.89 -24.27
N GLU A 62 -8.08 -14.37 -23.76
CA GLU A 62 -6.75 -13.90 -24.18
C GLU A 62 -6.62 -13.83 -25.70
N ASP A 63 -7.05 -14.90 -26.38
CA ASP A 63 -6.85 -14.98 -27.81
C ASP A 63 -7.75 -14.04 -28.62
N VAL A 64 -8.64 -13.34 -27.93
CA VAL A 64 -9.57 -12.45 -28.57
C VAL A 64 -9.22 -11.00 -28.21
N ARG A 65 -8.38 -10.81 -27.19
CA ARG A 65 -8.04 -9.45 -26.76
C ARG A 65 -7.27 -8.62 -27.79
N ASP A 66 -7.58 -7.32 -27.92
CA ASP A 66 -6.76 -6.43 -28.70
C ASP A 66 -5.61 -5.91 -27.83
N ALA A 67 -4.75 -5.04 -28.34
CA ALA A 67 -3.53 -4.66 -27.63
C ALA A 67 -3.88 -3.93 -26.35
N ALA A 68 -4.85 -3.03 -26.40
CA ALA A 68 -5.22 -2.28 -25.20
C ALA A 68 -5.77 -3.24 -24.13
N GLN A 69 -6.48 -4.28 -24.53
CA GLN A 69 -7.05 -5.20 -23.56
C GLN A 69 -5.95 -6.11 -23.01
N ALA A 70 -4.99 -6.49 -23.86
CA ALA A 70 -3.85 -7.22 -23.34
C ALA A 70 -3.09 -6.41 -22.31
N PHE A 71 -2.94 -5.11 -22.50
CA PHE A 71 -2.24 -4.26 -21.54
C PHE A 71 -3.04 -4.29 -20.24
N GLU A 72 -4.36 -4.03 -20.29
CA GLU A 72 -5.16 -4.03 -19.05
C GLU A 72 -5.08 -5.37 -18.32
N ALA A 73 -5.19 -6.47 -19.08
CA ALA A 73 -5.19 -7.76 -18.42
C ALA A 73 -3.84 -8.08 -17.83
N LYS A 74 -2.76 -7.69 -18.49
CA LYS A 74 -1.44 -7.96 -17.95
C LYS A 74 -1.19 -7.09 -16.73
N LEU A 75 -1.61 -5.82 -16.81
CA LEU A 75 -1.46 -4.95 -15.64
C LEU A 75 -2.18 -5.54 -14.43
N SER A 76 -3.42 -6.00 -14.67
CA SER A 76 -4.17 -6.65 -13.58
C SER A 76 -3.46 -7.88 -13.06
N ALA A 77 -2.97 -8.71 -13.96
CA ALA A 77 -2.39 -9.97 -13.52
C ALA A 77 -1.07 -9.73 -12.83
N GLU A 78 -0.20 -8.88 -13.35
CA GLU A 78 1.09 -8.70 -12.72
C GLU A 78 1.01 -8.08 -11.34
N THR A 79 0.10 -7.13 -11.20
CA THR A 79 -0.04 -6.43 -9.94
CA THR A 79 0.05 -6.44 -9.91
C THR A 79 -0.59 -7.37 -8.88
N LEU A 80 -1.64 -8.11 -9.22
CA LEU A 80 -2.23 -9.09 -8.32
C LEU A 80 -1.19 -10.17 -7.99
N GLU A 81 -0.48 -10.71 -8.96
CA GLU A 81 0.47 -11.82 -8.65
C GLU A 81 1.60 -11.35 -7.76
N GLU A 82 2.04 -10.12 -7.88
CA GLU A 82 3.13 -9.62 -7.09
C GLU A 82 2.62 -9.52 -5.63
N PHE A 83 1.38 -9.06 -5.43
CA PHE A 83 0.86 -8.99 -4.09
C PHE A 83 0.59 -10.37 -3.51
N LEU A 84 0.03 -11.28 -4.28
CA LEU A 84 -0.18 -12.65 -3.77
C LEU A 84 1.13 -13.27 -3.35
N ALA A 85 2.20 -13.01 -4.05
CA ALA A 85 3.49 -13.63 -3.71
C ALA A 85 4.13 -13.01 -2.51
N ALA A 86 3.77 -11.78 -2.16
CA ALA A 86 4.42 -11.11 -1.05
C ALA A 86 3.98 -11.67 0.28
N ASP A 87 4.94 -11.84 1.18
CA ASP A 87 4.60 -12.22 2.55
C ASP A 87 4.51 -11.05 3.50
N ALA A 88 5.07 -9.93 3.09
CA ALA A 88 5.07 -8.71 3.89
C ALA A 88 4.98 -7.58 2.88
N VAL A 89 4.29 -6.50 3.28
CA VAL A 89 4.13 -5.35 2.42
C VAL A 89 4.36 -4.10 3.25
N VAL A 90 5.20 -3.21 2.78
CA VAL A 90 5.46 -1.92 3.37
C VAL A 90 4.87 -0.91 2.42
N ILE A 91 3.91 -0.10 2.90
CA ILE A 91 3.16 0.80 1.97
C ILE A 91 3.33 2.25 2.40
N GLY A 92 3.93 3.06 1.54
CA GLY A 92 4.03 4.51 1.73
C GLY A 92 2.68 5.09 1.35
N ALA A 93 2.03 5.77 2.32
CA ALA A 93 0.66 6.27 2.14
C ALA A 93 0.50 7.72 2.60
N PRO A 94 0.88 8.66 1.75
CA PRO A 94 0.59 10.10 2.01
C PRO A 94 -0.90 10.32 2.08
N MET A 95 -1.20 11.44 2.72
CA MET A 95 -2.56 12.02 2.65
C MET A 95 -2.57 13.18 1.70
N TYR A 96 -3.25 13.01 0.55
CA TYR A 96 -3.40 14.12 -0.40
C TYR A 96 -4.89 14.35 -0.52
N ASN A 97 -5.31 15.58 -0.20
CA ASN A 97 -6.74 15.95 -0.25
C ASN A 97 -7.60 14.99 0.45
N PHE A 98 -7.19 14.70 1.70
CA PHE A 98 -8.02 13.95 2.68
C PHE A 98 -8.19 12.47 2.46
N THR A 99 -7.37 11.95 1.53
CA THR A 99 -7.36 10.51 1.29
C THR A 99 -5.99 10.08 0.77
N VAL A 100 -5.90 8.84 0.30
CA VAL A 100 -4.61 8.38 -0.25
C VAL A 100 -4.45 8.88 -1.69
N PRO A 101 -3.23 8.81 -2.22
CA PRO A 101 -3.07 9.22 -3.62
C PRO A 101 -3.86 8.30 -4.51
N THR A 102 -4.36 8.84 -5.64
CA THR A 102 -4.98 7.95 -6.61
C THR A 102 -4.02 6.85 -7.11
N GLN A 103 -2.72 7.18 -7.09
CA GLN A 103 -1.73 6.14 -7.50
C GLN A 103 -1.79 4.94 -6.58
N LEU A 104 -2.08 5.15 -5.28
CA LEU A 104 -2.17 4.03 -4.35
C LEU A 104 -3.55 3.33 -4.50
N LYS A 105 -4.61 4.14 -4.62
CA LYS A 105 -5.91 3.51 -4.83
C LYS A 105 -6.01 2.71 -6.11
N ALA A 106 -5.30 3.15 -7.14
CA ALA A 106 -5.32 2.37 -8.37
C ALA A 106 -4.68 1.00 -8.19
N TRP A 107 -3.69 0.93 -7.31
CA TRP A 107 -3.13 -0.39 -6.93
C TRP A 107 -4.11 -1.21 -6.10
N ILE A 108 -4.75 -0.59 -5.11
CA ILE A 108 -5.79 -1.30 -4.36
C ILE A 108 -6.84 -1.90 -5.28
N ASP A 109 -7.24 -1.14 -6.34
CA ASP A 109 -8.22 -1.70 -7.21
C ASP A 109 -7.78 -2.93 -8.01
N ARG A 110 -6.45 -3.07 -8.22
CA ARG A 110 -5.93 -4.29 -8.89
C ARG A 110 -5.67 -5.39 -7.88
N VAL A 111 -5.54 -5.11 -6.60
CA VAL A 111 -5.30 -6.25 -5.69
C VAL A 111 -6.54 -6.67 -4.95
N ALA A 112 -7.65 -5.94 -5.03
CA ALA A 112 -8.92 -6.40 -4.42
C ALA A 112 -9.66 -7.22 -5.47
N VAL A 113 -9.50 -8.55 -5.41
CA VAL A 113 -9.95 -9.44 -6.47
C VAL A 113 -10.67 -10.64 -5.80
N ALA A 114 -11.96 -10.75 -6.06
CA ALA A 114 -12.76 -11.87 -5.54
C ALA A 114 -12.20 -13.22 -5.97
N GLY A 115 -12.12 -14.15 -5.02
CA GLY A 115 -11.51 -15.43 -5.28
C GLY A 115 -10.00 -15.46 -5.12
N LYS A 116 -9.38 -14.30 -4.92
CA LYS A 116 -7.91 -14.22 -4.82
C LYS A 116 -7.46 -13.56 -3.52
N THR A 117 -7.96 -12.37 -3.20
CA THR A 117 -7.54 -11.74 -1.97
C THR A 117 -8.68 -11.65 -0.96
N PHE A 118 -9.89 -11.94 -1.44
CA PHE A 118 -11.06 -12.16 -0.56
C PHE A 118 -12.00 -13.06 -1.31
N ARG A 119 -12.98 -13.62 -0.61
CA ARG A 119 -14.00 -14.37 -1.33
C ARG A 119 -15.37 -14.01 -0.76
N TYR A 120 -16.36 -14.15 -1.63
N TYR A 120 -16.40 -14.21 -1.55
CA TYR A 120 -17.74 -14.10 -1.25
CA TYR A 120 -17.77 -13.90 -1.14
C TYR A 120 -18.12 -15.49 -0.84
C TYR A 120 -18.56 -15.20 -0.96
N THR A 121 -18.76 -15.59 0.30
CA THR A 121 -19.29 -16.89 0.69
C THR A 121 -20.83 -16.84 0.78
N GLU A 122 -21.46 -17.98 1.05
CA GLU A 122 -22.89 -17.99 1.36
C GLU A 122 -23.09 -17.29 2.71
N ALA A 123 -21.99 -17.17 3.46
CA ALA A 123 -22.03 -16.55 4.79
C ALA A 123 -21.55 -15.10 4.81
N GLY A 124 -21.08 -14.60 3.66
CA GLY A 124 -20.59 -13.24 3.55
C GLY A 124 -19.21 -13.19 2.92
N PRO A 125 -18.52 -12.04 3.02
CA PRO A 125 -17.19 -11.93 2.43
C PRO A 125 -16.15 -12.35 3.45
N GLN A 126 -15.03 -12.87 2.99
CA GLN A 126 -13.98 -13.26 3.90
C GLN A 126 -12.61 -12.93 3.26
N GLY A 127 -11.74 -12.34 4.02
CA GLY A 127 -10.40 -12.01 3.53
C GLY A 127 -9.54 -13.24 3.43
N LEU A 128 -8.65 -13.25 2.44
CA LEU A 128 -7.78 -14.40 2.22
C LEU A 128 -6.30 -14.10 2.51
N CYS A 129 -5.96 -12.94 3.02
CA CYS A 129 -4.58 -12.48 3.15
C CYS A 129 -4.04 -12.42 4.56
N GLY A 130 -4.66 -13.24 5.45
CA GLY A 130 -4.30 -13.27 6.85
C GLY A 130 -2.84 -13.60 7.16
N ASN A 131 -2.16 -14.30 6.24
CA ASN A 131 -0.73 -14.51 6.49
C ASN A 131 0.18 -13.34 6.19
N LYS A 132 -0.31 -12.26 5.57
CA LYS A 132 0.59 -11.25 5.15
C LYS A 132 0.77 -10.19 6.24
N LYS A 133 2.00 -9.77 6.48
CA LYS A 133 2.27 -8.70 7.45
C LYS A 133 2.29 -7.39 6.71
N VAL A 134 1.66 -6.34 7.23
CA VAL A 134 1.70 -5.07 6.55
C VAL A 134 2.24 -4.02 7.50
N VAL A 135 3.08 -3.14 6.97
CA VAL A 135 3.49 -1.93 7.71
C VAL A 135 3.04 -0.78 6.85
N LEU A 136 2.11 0.01 7.39
CA LEU A 136 1.65 1.17 6.68
C LEU A 136 2.45 2.37 7.11
N VAL A 137 3.01 3.14 6.19
CA VAL A 137 3.78 4.33 6.50
C VAL A 137 2.88 5.49 6.16
N SER A 138 2.35 6.15 7.21
CA SER A 138 1.24 7.08 7.07
C SER A 138 1.81 8.49 7.31
N THR A 139 1.70 9.36 6.33
CA THR A 139 2.25 10.75 6.45
C THR A 139 1.19 11.77 6.09
N ALA A 140 1.14 12.89 6.82
CA ALA A 140 0.12 13.94 6.57
C ALA A 140 0.69 15.27 7.04
N GLY A 141 0.23 16.34 6.40
CA GLY A 141 0.69 17.66 6.82
C GLY A 141 0.01 18.05 8.13
N GLY A 142 -1.24 17.69 8.32
CA GLY A 142 -1.94 17.97 9.56
C GLY A 142 -1.96 16.81 10.53
N LEU A 143 -2.68 16.97 11.64
CA LEU A 143 -2.80 15.98 12.67
C LEU A 143 -4.22 15.75 12.78
N HIS A 144 -4.66 14.68 12.15
N HIS A 144 -4.72 14.73 12.06
CA HIS A 144 -6.07 14.44 12.12
CA HIS A 144 -6.15 14.37 12.09
C HIS A 144 -6.43 12.96 12.30
C HIS A 144 -6.46 12.89 12.32
N ALA A 145 -5.46 12.09 12.69
CA ALA A 145 -5.80 10.72 13.07
C ALA A 145 -6.78 10.66 14.24
N GLY A 146 -7.75 9.76 14.13
CA GLY A 146 -8.77 9.63 15.15
C GLY A 146 -9.82 10.74 15.10
N GLN A 147 -9.78 11.56 14.05
CA GLN A 147 -10.79 12.59 13.91
C GLN A 147 -11.52 12.43 12.58
N PRO A 148 -12.65 13.14 12.42
CA PRO A 148 -13.43 12.86 11.20
C PRO A 148 -12.62 13.18 9.94
N THR A 149 -11.74 14.16 9.99
CA THR A 149 -11.00 14.57 8.80
CA THR A 149 -10.95 14.62 8.84
C THR A 149 -10.09 13.44 8.37
N GLY A 150 -9.77 12.55 9.27
CA GLY A 150 -8.95 11.44 8.88
C GLY A 150 -9.57 10.27 8.17
N ALA A 151 -10.89 10.27 7.96
CA ALA A 151 -11.70 9.23 7.45
C ALA A 151 -11.16 8.59 6.16
N GLY A 152 -10.77 9.44 5.23
CA GLY A 152 -10.42 8.94 3.91
C GLY A 152 -9.01 8.37 3.88
N HIS A 153 -8.26 8.56 4.95
CA HIS A 153 -6.83 8.22 4.97
C HIS A 153 -6.63 6.89 5.75
N GLU A 154 -6.17 7.01 7.01
CA GLU A 154 -5.95 5.74 7.75
C GLU A 154 -7.23 4.89 7.95
N ASP A 155 -8.38 5.53 8.16
CA ASP A 155 -9.55 4.75 8.46
C ASP A 155 -9.97 3.89 7.24
N PHE A 156 -9.96 4.50 6.04
CA PHE A 156 -10.17 3.81 4.80
C PHE A 156 -9.17 2.63 4.61
N LEU A 157 -7.89 2.99 4.82
CA LEU A 157 -6.87 1.93 4.63
C LEU A 157 -7.10 0.74 5.56
N LYS A 158 -7.49 1.07 6.80
CA LYS A 158 -7.79 -0.04 7.71
C LYS A 158 -8.98 -0.87 7.29
N VAL A 159 -10.02 -0.23 6.75
CA VAL A 159 -11.13 -0.90 6.19
C VAL A 159 -10.71 -1.84 5.06
N PHE A 160 -9.95 -1.31 4.08
CA PHE A 160 -9.57 -2.14 2.99
C PHE A 160 -8.67 -3.35 3.43
N LEU A 161 -7.68 -3.01 4.24
CA LEU A 161 -6.77 -4.09 4.68
C LEU A 161 -7.51 -5.13 5.53
N GLY A 162 -8.43 -4.67 6.36
CA GLY A 162 -9.26 -5.62 7.12
C GLY A 162 -10.11 -6.51 6.23
N PHE A 163 -10.70 -5.93 5.16
CA PHE A 163 -11.52 -6.67 4.25
C PHE A 163 -10.80 -7.84 3.56
N ILE A 164 -9.54 -7.59 3.17
CA ILE A 164 -8.81 -8.68 2.53
C ILE A 164 -8.11 -9.51 3.57
N GLY A 165 -8.38 -9.24 4.85
CA GLY A 165 -8.00 -10.25 5.86
C GLY A 165 -6.71 -9.99 6.54
N ILE A 166 -6.11 -8.82 6.34
CA ILE A 166 -4.90 -8.50 7.07
C ILE A 166 -5.22 -8.39 8.56
N THR A 167 -4.53 -9.16 9.37
CA THR A 167 -4.62 -9.00 10.82
C THR A 167 -3.33 -8.42 11.40
N ASP A 168 -2.19 -8.65 10.78
CA ASP A 168 -0.94 -8.23 11.36
C ASP A 168 -0.54 -6.94 10.68
N LEU A 169 -0.96 -5.84 11.26
CA LEU A 169 -0.78 -4.50 10.71
C LEU A 169 -0.05 -3.64 11.72
N GLU A 170 1.01 -2.96 11.31
CA GLU A 170 1.67 -1.93 12.13
C GLU A 170 1.56 -0.62 11.37
N ILE A 171 1.37 0.51 12.06
CA ILE A 171 1.32 1.80 11.42
C ILE A 171 2.43 2.68 11.94
N VAL A 172 3.28 3.09 11.04
CA VAL A 172 4.39 4.02 11.32
C VAL A 172 3.88 5.34 10.85
N ARG A 173 3.62 6.25 11.77
CA ARG A 173 3.00 7.52 11.39
C ARG A 173 3.95 8.72 11.61
N ALA A 174 3.91 9.65 10.68
CA ALA A 174 4.56 10.96 10.86
C ALA A 174 3.57 12.01 10.35
N HIS A 175 2.86 12.68 11.26
CA HIS A 175 1.82 13.64 10.90
C HIS A 175 2.19 14.98 11.50
N GLY A 176 1.44 15.97 11.11
CA GLY A 176 1.74 17.37 11.51
C GLY A 176 2.96 17.88 10.81
N LEU A 177 3.30 17.33 9.66
CA LEU A 177 4.49 17.68 8.96
C LEU A 177 4.46 19.09 8.36
N ALA A 178 3.29 19.67 8.22
CA ALA A 178 3.19 21.01 7.58
C ALA A 178 3.23 22.12 8.60
N TYR A 179 3.32 21.76 9.87
CA TYR A 179 3.24 22.78 10.96
C TYR A 179 4.55 23.47 11.27
N GLY A 180 5.60 23.19 10.49
CA GLY A 180 6.89 23.80 10.71
C GLY A 180 8.01 22.79 10.85
N PRO A 181 9.25 23.24 10.69
CA PRO A 181 10.44 22.37 10.64
C PRO A 181 10.65 21.58 11.91
N GLU A 182 10.46 22.20 13.05
CA GLU A 182 10.65 21.50 14.31
C GLU A 182 9.61 20.40 14.48
N GLN A 183 8.36 20.71 14.13
CA GLN A 183 7.28 19.74 14.34
C GLN A 183 7.48 18.58 13.36
N ARG A 184 7.89 18.90 12.14
CA ARG A 184 8.14 17.86 11.12
C ARG A 184 9.27 16.99 11.60
N SER A 185 10.35 17.61 12.10
CA SER A 185 11.51 16.80 12.53
C SER A 185 11.17 15.87 13.67
N GLN A 186 10.41 16.37 14.66
CA GLN A 186 10.08 15.51 15.79
C GLN A 186 9.19 14.36 15.30
N ALA A 187 8.28 14.64 14.36
CA ALA A 187 7.33 13.56 13.96
C ALA A 187 8.09 12.45 13.23
N ILE A 188 9.03 12.85 12.38
CA ILE A 188 9.92 11.89 11.76
C ILE A 188 10.83 11.18 12.75
N ASP A 189 11.40 11.91 13.71
CA ASP A 189 12.19 11.25 14.75
C ASP A 189 11.42 10.20 15.55
N ALA A 190 10.15 10.49 15.88
CA ALA A 190 9.31 9.58 16.65
C ALA A 190 9.09 8.31 15.79
N ALA A 191 8.80 8.52 14.51
CA ALA A 191 8.58 7.39 13.59
C ALA A 191 9.85 6.53 13.50
N GLN A 192 11.00 7.17 13.45
CA GLN A 192 12.27 6.44 13.42
C GLN A 192 12.49 5.67 14.71
N ALA A 193 12.12 6.21 15.86
CA ALA A 193 12.25 5.44 17.10
C ALA A 193 11.34 4.20 17.11
N GLN A 194 10.15 4.35 16.52
CA GLN A 194 9.28 3.22 16.39
C GLN A 194 9.96 2.16 15.51
N ILE A 195 10.53 2.60 14.41
CA ILE A 195 11.15 1.62 13.50
C ILE A 195 12.27 0.88 14.22
N ALA A 196 13.07 1.64 14.96
CA ALA A 196 14.24 1.07 15.64
C ALA A 196 13.95 0.16 16.82
N SER A 197 12.86 0.37 17.52
CA SER A 197 12.75 -0.30 18.81
C SER A 197 11.40 -0.94 19.04
N GLU A 198 10.48 -0.81 18.09
CA GLU A 198 9.11 -1.26 18.29
C GLU A 198 8.58 -2.11 17.15
N LEU A 199 9.31 -2.14 16.04
CA LEU A 199 8.84 -2.96 14.93
C LEU A 199 9.42 -4.38 14.89
N PHE A 200 10.71 -4.54 15.15
CA PHE A 200 11.35 -5.87 15.00
C PHE A 200 11.90 -6.47 16.30
N1 FMN B . -1.99 17.06 4.36
C2 FMN B . -3.15 16.94 5.07
O2 FMN B . -3.05 16.85 6.32
N3 FMN B . -4.39 16.88 4.46
C4 FMN B . -4.50 16.97 3.08
O4 FMN B . -5.65 16.88 2.64
C4A FMN B . -3.36 17.14 2.33
N5 FMN B . -3.40 17.28 0.95
C5A FMN B . -2.22 17.38 0.22
C6 FMN B . -2.34 17.42 -1.16
C7 FMN B . -1.22 17.54 -1.91
C7M FMN B . -1.35 17.58 -3.41
C8 FMN B . 0.05 17.56 -1.29
C8M FMN B . 1.27 17.68 -2.14
C9 FMN B . 0.17 17.49 0.10
C9A FMN B . -0.97 17.39 0.86
N10 FMN B . -0.94 17.33 2.26
C10 FMN B . -2.10 17.20 2.97
C1' FMN B . 0.38 17.30 2.98
C2' FMN B . 0.98 15.86 2.85
O2' FMN B . 0.14 14.95 3.52
C3' FMN B . 2.34 15.88 3.49
O3' FMN B . 3.16 16.67 2.67
C4' FMN B . 2.90 14.48 3.54
O4' FMN B . 4.26 14.59 3.88
C5' FMN B . 2.81 13.80 2.18
O5' FMN B . 3.56 12.55 2.26
P FMN B . 4.83 12.55 1.36
O1P FMN B . 5.83 13.61 1.89
O2P FMN B . 4.49 12.88 -0.04
O3P FMN B . 5.44 11.15 1.49
C1 AQN C . -3.26 20.35 5.62
C2 AQN C . -2.79 20.48 4.28
C3 AQN C . -1.35 20.55 4.00
O3 AQN C . -0.54 20.47 4.92
C4 AQN C . -0.84 20.70 2.64
C5 AQN C . 0.60 20.77 2.40
C6 AQN C . 1.09 20.90 1.10
C7 AQN C . 0.18 20.99 0.00
C8 AQN C . -1.21 20.92 0.23
C9 AQN C . -1.72 20.80 1.56
C10 AQN C . -3.18 20.74 1.84
O10 AQN C . -4.04 20.78 0.95
C11 AQN C . -3.65 20.58 3.22
C12 AQN C . -5.02 20.52 3.40
C13 AQN C . -5.50 20.38 4.69
C14 AQN C . -4.63 20.30 5.80
S15 AQN C . -5.38 20.20 7.40
OS1 AQN C . -5.71 21.56 7.89
OS2 AQN C . -6.66 19.41 7.24
OS3 AQN C . -4.43 19.57 8.39
C1 GOL D . 14.35 1.83 -3.86
O1 GOL D . 14.25 0.44 -3.72
C2 GOL D . 13.79 2.52 -2.63
O2 GOL D . 14.57 2.11 -1.52
C3 GOL D . 13.88 4.02 -2.86
O3 GOL D . 13.62 4.72 -1.66
C1 GOL E . 2.13 -13.00 9.50
O1 GOL E . 2.62 -14.24 9.01
C2 GOL E . 1.20 -13.27 10.70
O2 GOL E . 1.12 -12.17 11.57
C3 GOL E . -0.19 -13.64 10.21
O3 GOL E . -1.16 -13.52 11.24
O1 PG4 F . 2.67 1.11 -23.53
C1 PG4 F . 1.34 0.90 -22.99
C2 PG4 F . 0.25 1.66 -23.57
O2 PG4 F . -1.15 1.44 -23.11
C3 PG4 F . -2.12 2.40 -23.45
C4 PG4 F . -3.40 1.91 -23.89
O3 PG4 F . -3.74 0.61 -23.53
O1 PG4 G . -21.90 -9.54 -6.64
O1 PG4 G . -19.41 -9.17 -6.81
C1 PG4 G . -20.71 -9.22 -5.89
C1 PG4 G . -18.00 -9.42 -6.71
C2 PG4 G . -20.82 -8.92 -4.47
C2 PG4 G . -17.33 -8.96 -5.50
O2 PG4 G . -22.08 -9.04 -3.74
O2 PG4 G . -17.89 -9.29 -4.18
C3 PG4 G . -22.11 -8.47 -2.46
C3 PG4 G . -19.15 -8.88 -3.71
C4 PG4 G . -20.86 -8.36 -1.77
C4 PG4 G . -19.21 -8.76 -2.27
O3 PG4 G . -20.86 -8.26 -0.38
O3 PG4 G . -17.98 -8.71 -1.64
#